data_5ZKC
#
_entry.id   5ZKC
#
_cell.length_a   46.430
_cell.length_b   58.960
_cell.length_c   88.970
_cell.angle_alpha   90.00
_cell.angle_beta   98.82
_cell.angle_gamma   90.00
#
_symmetry.space_group_name_H-M   'P 1 21 1'
#
loop_
_entity.id
_entity.type
_entity.pdbx_description
1 polymer 'Muscarinic acetylcholine receptor M2,Apo-cytochrome b562,Muscarinic acetylcholine receptor M2'
2 non-polymer 'N-methyl scopolamine'
3 water water
#
_entity_poly.entity_id   1
_entity_poly.type   'polypeptide(L)'
_entity_poly.pdbx_seq_one_letter_code
;GPMDDSTDSSDNSLALTSPYKTFEVVFIVLVAGSLSLVTIIGNILVMVSIKVNRHLQTVNNYFLFSLACADLIIGVFSMN
LYTLYTVIGYWPLGPVVCDLWLALDYVVSNARVMNLLIISFDRYFCVTKPLTYPVKRTTKMAGMMIAAAWVLSFILWAPA
ILFWQFIVGVRTVEDGECYIQFFSNAAVTFGTAIAAFYLPVIIMTVLYWHISRASKSRIADLEDNWETLNDNLKVIEKAD
NAAQVKDALTKMRAAALDAQKATPPKLEDKSPDSPEMKDFRHGFDILVGQIDDALKLANEGKVKEAQAAAEQLKTTRNAY
IQKYLPPPSREKKVTRTILAILLAFIITWAPYNVMVLINTFCAPCIPNTVWTIGYWLCYINSTINPACYALCNATFKKTF
KHLLMCHYKNIGATRLEVLFQ
;
_entity_poly.pdbx_strand_id   A
#
loop_
_chem_comp.id
_chem_comp.type
_chem_comp.name
_chem_comp.formula
3C0 non-polymer 'N-methyl scopolamine' 'C18 H24 N O4 1'
#
# COMPACT_ATOMS: atom_id res chain seq x y z
N SER A 18 -12.39 3.06 42.87
CA SER A 18 -12.04 3.54 41.54
C SER A 18 -12.03 2.40 40.53
N PRO A 19 -13.22 1.94 40.12
CA PRO A 19 -13.29 0.82 39.17
C PRO A 19 -13.10 1.27 37.72
N TYR A 20 -13.50 2.49 37.41
CA TYR A 20 -13.44 2.95 36.02
C TYR A 20 -12.01 3.23 35.58
N LYS A 21 -11.20 3.80 36.48
CA LYS A 21 -9.80 4.07 36.13
C LYS A 21 -9.03 2.78 35.89
N THR A 22 -9.25 1.77 36.73
CA THR A 22 -8.60 0.48 36.52
C THR A 22 -9.07 -0.17 35.23
N PHE A 23 -10.37 -0.05 34.92
CA PHE A 23 -10.87 -0.59 33.66
C PHE A 23 -10.26 0.13 32.46
N GLU A 24 -9.99 1.43 32.60
CA GLU A 24 -9.34 2.16 31.51
C GLU A 24 -7.93 1.64 31.25
N VAL A 25 -7.20 1.30 32.32
CA VAL A 25 -5.85 0.76 32.16
C VAL A 25 -5.90 -0.62 31.51
N VAL A 26 -6.82 -1.47 31.98
CA VAL A 26 -6.94 -2.80 31.40
C VAL A 26 -7.41 -2.71 29.95
N PHE A 27 -8.32 -1.78 29.66
CA PHE A 27 -8.80 -1.60 28.29
C PHE A 27 -7.68 -1.13 27.37
N ILE A 28 -6.83 -0.22 27.86
CA ILE A 28 -5.74 0.30 27.04
C ILE A 28 -4.71 -0.79 26.76
N VAL A 29 -4.39 -1.61 27.78
CA VAL A 29 -3.43 -2.68 27.58
C VAL A 29 -3.95 -3.70 26.58
N LEU A 30 -5.25 -4.02 26.66
CA LEU A 30 -5.84 -4.98 25.73
C LEU A 30 -5.88 -4.43 24.31
N VAL A 31 -6.25 -3.16 24.15
CA VAL A 31 -6.32 -2.57 22.81
C VAL A 31 -4.91 -2.42 22.23
N ALA A 32 -3.96 -1.95 23.04
CA ALA A 32 -2.59 -1.77 22.54
C ALA A 32 -1.96 -3.11 22.19
N GLY A 33 -2.16 -4.13 23.03
CA GLY A 33 -1.65 -5.45 22.71
C GLY A 33 -2.29 -6.07 21.49
N SER A 34 -3.58 -5.78 21.27
CA SER A 34 -4.26 -6.27 20.08
C SER A 34 -3.74 -5.57 18.83
N LEU A 35 -3.54 -4.25 18.90
CA LEU A 35 -3.01 -3.51 17.76
C LEU A 35 -1.62 -4.00 17.39
N SER A 36 -0.75 -4.18 18.40
CA SER A 36 0.59 -4.68 18.14
C SER A 36 0.55 -6.06 17.48
N LEU A 37 -0.31 -6.94 17.97
CA LEU A 37 -0.36 -8.30 17.44
C LEU A 37 -0.86 -8.31 15.99
N VAL A 38 -1.88 -7.51 15.68
CA VAL A 38 -2.38 -7.43 14.32
C VAL A 38 -1.30 -6.88 13.39
N THR A 39 -0.57 -5.86 13.86
CA THR A 39 0.50 -5.28 13.05
C THR A 39 1.58 -6.31 12.75
N ILE A 40 1.95 -7.11 13.74
CA ILE A 40 3.00 -8.11 13.56
C ILE A 40 2.56 -9.19 12.57
N ILE A 41 1.35 -9.74 12.78
CA ILE A 41 0.89 -10.86 11.95
C ILE A 41 0.70 -10.40 10.51
N GLY A 42 0.05 -9.26 10.31
CA GLY A 42 -0.22 -8.81 8.95
C GLY A 42 1.04 -8.56 8.15
N ASN A 43 2.05 -7.95 8.78
CA ASN A 43 3.28 -7.64 8.05
C ASN A 43 4.16 -8.87 7.86
N ILE A 44 4.16 -9.80 8.82
CA ILE A 44 4.88 -11.04 8.62
C ILE A 44 4.27 -11.85 7.47
N LEU A 45 2.93 -11.85 7.40
CA LEU A 45 2.25 -12.53 6.29
C LEU A 45 2.64 -11.93 4.95
N VAL A 46 2.75 -10.60 4.88
CA VAL A 46 3.15 -9.95 3.63
C VAL A 46 4.60 -10.31 3.28
N MET A 47 5.49 -10.19 4.26
CA MET A 47 6.90 -10.46 4.00
C MET A 47 7.12 -11.91 3.59
N VAL A 48 6.53 -12.85 4.33
CA VAL A 48 6.73 -14.27 4.03
C VAL A 48 6.11 -14.63 2.68
N SER A 49 4.97 -14.03 2.35
CA SER A 49 4.33 -14.32 1.07
C SER A 49 5.21 -13.92 -0.10
N ILE A 50 5.88 -12.77 0.00
CA ILE A 50 6.77 -12.34 -1.08
C ILE A 50 8.00 -13.23 -1.16
N LYS A 51 8.49 -13.73 -0.02
CA LYS A 51 9.70 -14.54 -0.03
C LYS A 51 9.46 -15.94 -0.56
N VAL A 52 8.25 -16.48 -0.40
CA VAL A 52 7.97 -17.86 -0.80
C VAL A 52 7.27 -17.95 -2.16
N ASN A 53 6.84 -16.84 -2.73
CA ASN A 53 6.12 -16.83 -4.00
C ASN A 53 6.90 -16.00 -5.00
N ARG A 54 7.46 -16.67 -6.02
CA ARG A 54 8.19 -15.94 -7.06
C ARG A 54 7.27 -15.02 -7.84
N HIS A 55 6.00 -15.38 -7.99
CA HIS A 55 5.03 -14.51 -8.65
C HIS A 55 4.86 -13.18 -7.93
N LEU A 56 5.18 -13.13 -6.64
CA LEU A 56 5.11 -11.90 -5.86
C LEU A 56 6.46 -11.20 -5.78
N GLN A 57 7.48 -11.70 -6.47
CA GLN A 57 8.82 -11.12 -6.40
C GLN A 57 9.03 -10.13 -7.54
N THR A 58 8.35 -8.99 -7.42
CA THR A 58 8.43 -7.91 -8.38
C THR A 58 9.04 -6.67 -7.72
N VAL A 59 9.36 -5.68 -8.54
CA VAL A 59 9.96 -4.45 -8.04
C VAL A 59 9.00 -3.75 -7.08
N ASN A 60 7.72 -3.71 -7.42
CA ASN A 60 6.73 -3.09 -6.53
C ASN A 60 6.74 -3.77 -5.16
N ASN A 61 6.73 -5.11 -5.15
CA ASN A 61 6.68 -5.83 -3.89
C ASN A 61 8.02 -5.78 -3.14
N TYR A 62 9.12 -5.46 -3.83
CA TYR A 62 10.36 -5.18 -3.13
C TYR A 62 10.23 -3.92 -2.29
N PHE A 63 9.63 -2.87 -2.87
CA PHE A 63 9.35 -1.67 -2.09
C PHE A 63 8.35 -1.95 -0.97
N LEU A 64 7.31 -2.74 -1.26
CA LEU A 64 6.35 -3.09 -0.23
C LEU A 64 6.95 -4.01 0.83
N PHE A 65 7.96 -4.80 0.46
CA PHE A 65 8.64 -5.65 1.43
C PHE A 65 9.37 -4.79 2.46
N SER A 66 10.12 -3.79 1.99
CA SER A 66 10.81 -2.88 2.90
C SER A 66 9.81 -2.11 3.76
N LEU A 67 8.68 -1.71 3.18
CA LEU A 67 7.66 -1.02 3.94
C LEU A 67 7.06 -1.94 5.00
N ALA A 68 6.86 -3.21 4.67
CA ALA A 68 6.37 -4.18 5.66
C ALA A 68 7.42 -4.47 6.72
N CYS A 69 8.70 -4.32 6.39
N CYS A 69 8.70 -4.33 6.39
CA CYS A 69 9.75 -4.52 7.38
CA CYS A 69 9.75 -4.52 7.39
C CYS A 69 9.73 -3.40 8.43
C CYS A 69 9.72 -3.40 8.43
N ALA A 70 9.59 -2.15 7.99
CA ALA A 70 9.49 -1.04 8.92
C ALA A 70 8.21 -1.13 9.76
N ASP A 71 7.11 -1.55 9.13
CA ASP A 71 5.86 -1.72 9.87
C ASP A 71 5.98 -2.82 10.92
N LEU A 72 6.72 -3.89 10.59
CA LEU A 72 6.91 -4.97 11.56
C LEU A 72 7.72 -4.50 12.76
N ILE A 73 8.78 -3.71 12.52
CA ILE A 73 9.59 -3.17 13.62
C ILE A 73 8.74 -2.30 14.53
N ILE A 74 7.85 -1.49 13.94
CA ILE A 74 6.96 -0.65 14.74
C ILE A 74 6.04 -1.51 15.60
N GLY A 75 5.51 -2.59 15.02
CA GLY A 75 4.61 -3.46 15.77
C GLY A 75 5.31 -4.24 16.87
N VAL A 76 6.59 -4.57 16.68
CA VAL A 76 7.31 -5.37 17.65
C VAL A 76 7.90 -4.49 18.75
N PHE A 77 8.70 -3.50 18.36
CA PHE A 77 9.44 -2.69 19.32
C PHE A 77 8.69 -1.44 19.75
N SER A 78 8.25 -0.62 18.79
CA SER A 78 7.78 0.72 19.10
C SER A 78 6.48 0.69 19.89
N MET A 79 5.48 -0.06 19.42
CA MET A 79 4.18 -0.07 20.07
C MET A 79 4.27 -0.57 21.51
N ASN A 80 5.02 -1.66 21.73
CA ASN A 80 5.06 -2.27 23.06
C ASN A 80 5.83 -1.40 24.04
N LEU A 81 6.96 -0.83 23.61
CA LEU A 81 7.72 0.04 24.50
C LEU A 81 6.93 1.30 24.85
N TYR A 82 6.18 1.84 23.88
CA TYR A 82 5.39 3.04 24.15
C TYR A 82 4.22 2.72 25.07
N THR A 83 3.63 1.52 24.94
CA THR A 83 2.58 1.11 25.86
C THR A 83 3.10 0.97 27.28
N LEU A 84 4.28 0.37 27.43
CA LEU A 84 4.90 0.28 28.75
C LEU A 84 5.17 1.67 29.32
N TYR A 85 5.61 2.60 28.46
CA TYR A 85 5.88 3.96 28.89
C TYR A 85 4.63 4.64 29.42
N THR A 86 3.54 4.59 28.65
CA THR A 86 2.34 5.34 29.02
C THR A 86 1.58 4.68 30.16
N VAL A 87 1.58 3.35 30.24
CA VAL A 87 0.84 2.65 31.28
C VAL A 87 1.51 2.81 32.64
N ILE A 88 2.83 2.65 32.67
CA ILE A 88 3.56 2.80 33.94
C ILE A 88 3.59 4.26 34.37
N GLY A 89 3.58 5.19 33.42
CA GLY A 89 3.58 6.61 33.72
C GLY A 89 4.95 7.28 33.68
N TYR A 90 6.01 6.51 33.49
CA TYR A 90 7.36 7.05 33.34
C TYR A 90 8.17 6.01 32.57
N TRP A 91 9.43 6.35 32.29
CA TRP A 91 10.32 5.45 31.58
C TRP A 91 11.00 4.51 32.58
N PRO A 92 10.68 3.21 32.59
CA PRO A 92 11.18 2.32 33.64
C PRO A 92 12.44 1.56 33.26
N LEU A 93 12.83 1.60 31.99
CA LEU A 93 13.90 0.72 31.51
C LEU A 93 15.28 1.32 31.75
N GLY A 94 15.53 2.52 31.23
CA GLY A 94 16.79 3.18 31.43
C GLY A 94 17.08 4.22 30.37
N PRO A 95 18.14 5.01 30.59
CA PRO A 95 18.50 6.03 29.58
C PRO A 95 19.02 5.43 28.28
N VAL A 96 19.79 4.34 28.37
CA VAL A 96 20.32 3.72 27.15
C VAL A 96 19.19 3.15 26.32
N VAL A 97 18.29 2.38 26.95
CA VAL A 97 17.17 1.80 26.23
C VAL A 97 16.24 2.90 25.70
N CYS A 98 16.14 4.02 26.44
CA CYS A 98 15.36 5.15 25.93
C CYS A 98 15.97 5.70 24.65
N ASP A 99 17.29 5.89 24.63
CA ASP A 99 17.94 6.43 23.44
C ASP A 99 17.84 5.46 22.27
N LEU A 100 17.94 4.15 22.54
CA LEU A 100 17.81 3.17 21.48
C LEU A 100 16.39 3.12 20.94
N TRP A 101 15.40 3.28 21.81
CA TRP A 101 14.01 3.27 21.37
C TRP A 101 13.68 4.49 20.52
N LEU A 102 14.14 5.67 20.94
CA LEU A 102 13.89 6.87 20.16
C LEU A 102 14.61 6.83 18.82
N ALA A 103 15.87 6.38 18.82
CA ALA A 103 16.64 6.31 17.57
C ALA A 103 16.02 5.31 16.62
N LEU A 104 15.64 4.13 17.12
CA LEU A 104 15.00 3.13 16.28
C LEU A 104 13.69 3.66 15.69
N ASP A 105 12.91 4.37 16.51
CA ASP A 105 11.63 4.89 16.06
C ASP A 105 11.82 5.89 14.91
N TYR A 106 12.76 6.82 15.08
CA TYR A 106 12.94 7.88 14.08
C TYR A 106 13.64 7.36 12.82
N VAL A 107 14.58 6.44 12.98
CA VAL A 107 15.25 5.86 11.80
C VAL A 107 14.26 5.06 10.98
N VAL A 108 13.45 4.23 11.65
CA VAL A 108 12.46 3.41 10.94
C VAL A 108 11.42 4.29 10.27
N SER A 109 10.97 5.34 10.96
CA SER A 109 9.97 6.23 10.39
C SER A 109 10.51 7.01 9.21
N ASN A 110 11.78 7.44 9.29
CA ASN A 110 12.38 8.15 8.16
C ASN A 110 12.58 7.22 6.97
N ALA A 111 12.93 5.96 7.22
CA ALA A 111 13.04 4.99 6.14
C ALA A 111 11.69 4.74 5.48
N ARG A 112 10.62 4.77 6.27
CA ARG A 112 9.27 4.63 5.71
C ARG A 112 8.95 5.78 4.76
N VAL A 113 9.21 7.01 5.19
CA VAL A 113 8.89 8.18 4.39
C VAL A 113 9.64 8.14 3.06
N MET A 114 10.95 7.88 3.11
CA MET A 114 11.72 7.79 1.88
C MET A 114 11.37 6.55 1.07
N ASN A 115 10.80 5.51 1.71
CA ASN A 115 10.28 4.38 0.96
C ASN A 115 9.05 4.79 0.15
N LEU A 116 8.15 5.58 0.75
CA LEU A 116 7.01 6.08 0.01
C LEU A 116 7.45 7.02 -1.11
N LEU A 117 8.51 7.79 -0.89
CA LEU A 117 9.05 8.63 -1.95
C LEU A 117 9.62 7.79 -3.08
N ILE A 118 10.23 6.65 -2.74
CA ILE A 118 10.75 5.75 -3.77
C ILE A 118 9.61 5.19 -4.61
N ILE A 119 8.53 4.77 -3.96
CA ILE A 119 7.38 4.22 -4.68
C ILE A 119 6.75 5.30 -5.56
N SER A 120 6.66 6.53 -5.05
CA SER A 120 6.03 7.61 -5.82
C SER A 120 6.89 8.02 -7.01
N PHE A 121 8.21 8.15 -6.81
CA PHE A 121 9.07 8.52 -7.92
C PHE A 121 9.20 7.38 -8.94
N ASP A 122 9.31 6.14 -8.46
CA ASP A 122 9.38 5.00 -9.37
C ASP A 122 8.15 4.91 -10.26
N ARG A 123 6.96 5.13 -9.68
CA ARG A 123 5.74 5.16 -10.47
C ARG A 123 5.72 6.36 -11.40
N TYR A 124 6.29 7.49 -10.99
CA TYR A 124 6.31 8.67 -11.84
C TYR A 124 7.14 8.43 -13.08
N PHE A 125 8.33 7.86 -12.93
CA PHE A 125 9.18 7.58 -14.07
C PHE A 125 8.64 6.45 -14.94
N CYS A 126 7.80 5.59 -14.39
CA CYS A 126 7.16 4.56 -15.21
C CYS A 126 6.15 5.16 -16.17
N VAL A 127 5.42 6.19 -15.72
CA VAL A 127 4.38 6.79 -16.56
C VAL A 127 4.88 7.96 -17.39
N THR A 128 6.06 8.51 -17.08
CA THR A 128 6.60 9.64 -17.82
C THR A 128 7.80 9.29 -18.70
N LYS A 129 8.49 8.19 -18.42
CA LYS A 129 9.61 7.73 -19.23
C LYS A 129 9.44 6.25 -19.56
N PRO A 130 8.42 5.90 -20.35
CA PRO A 130 8.18 4.48 -20.65
C PRO A 130 9.23 3.87 -21.57
N LEU A 131 9.93 4.68 -22.36
CA LEU A 131 10.93 4.17 -23.29
C LEU A 131 12.30 3.95 -22.66
N THR A 132 12.54 4.53 -21.48
CA THR A 132 13.85 4.46 -20.84
C THR A 132 13.82 3.79 -19.48
N TYR A 133 12.88 4.17 -18.62
CA TYR A 133 12.95 3.73 -17.21
C TYR A 133 12.64 2.26 -17.02
N PRO A 134 11.57 1.68 -17.61
CA PRO A 134 11.24 0.28 -17.29
C PRO A 134 12.37 -0.72 -17.52
N VAL A 135 13.28 -0.46 -18.47
CA VAL A 135 14.38 -1.39 -18.66
C VAL A 135 15.41 -1.25 -17.55
N LYS A 136 15.53 -0.07 -16.96
CA LYS A 136 16.43 0.15 -15.83
C LYS A 136 15.81 -0.25 -14.50
N ARG A 137 14.61 -0.83 -14.53
CA ARG A 137 13.85 -1.11 -13.32
C ARG A 137 13.98 -2.60 -13.00
N THR A 138 15.07 -2.94 -12.32
CA THR A 138 15.41 -4.32 -11.98
C THR A 138 15.34 -4.52 -10.47
N THR A 139 15.58 -5.76 -10.05
CA THR A 139 15.57 -6.07 -8.62
C THR A 139 16.81 -5.51 -7.93
N LYS A 140 17.95 -5.52 -8.63
CA LYS A 140 19.18 -4.97 -8.04
C LYS A 140 19.05 -3.46 -7.83
N MET A 141 18.41 -2.76 -8.77
CA MET A 141 18.20 -1.33 -8.60
C MET A 141 17.28 -1.05 -7.42
N ALA A 142 16.21 -1.83 -7.29
CA ALA A 142 15.28 -1.64 -6.18
C ALA A 142 15.96 -1.93 -4.83
N GLY A 143 16.82 -2.95 -4.79
CA GLY A 143 17.52 -3.25 -3.55
C GLY A 143 18.48 -2.16 -3.14
N MET A 144 19.20 -1.58 -4.11
CA MET A 144 20.13 -0.50 -3.81
C MET A 144 19.40 0.76 -3.35
N MET A 145 18.25 1.07 -3.96
CA MET A 145 17.46 2.22 -3.52
C MET A 145 16.94 2.01 -2.11
N ILE A 146 16.46 0.80 -1.80
CA ILE A 146 15.97 0.51 -0.46
C ILE A 146 17.11 0.57 0.55
N ALA A 147 18.25 -0.04 0.20
CA ALA A 147 19.40 -0.02 1.11
C ALA A 147 19.87 1.40 1.35
N ALA A 148 19.91 2.23 0.31
CA ALA A 148 20.30 3.63 0.47
C ALA A 148 19.32 4.37 1.36
N ALA A 149 18.03 4.02 1.30
CA ALA A 149 17.04 4.68 2.14
C ALA A 149 17.26 4.37 3.62
N TRP A 150 17.55 3.11 3.94
CA TRP A 150 17.76 2.73 5.33
C TRP A 150 19.06 3.29 5.88
N VAL A 151 20.12 3.29 5.05
CA VAL A 151 21.41 3.82 5.50
C VAL A 151 21.33 5.32 5.71
N LEU A 152 20.72 6.04 4.76
CA LEU A 152 20.55 7.48 4.91
C LEU A 152 19.71 7.82 6.14
N SER A 153 18.66 7.03 6.39
CA SER A 153 17.83 7.25 7.56
C SER A 153 18.63 7.04 8.84
N PHE A 154 19.43 5.98 8.89
CA PHE A 154 20.26 5.72 10.07
C PHE A 154 21.26 6.84 10.30
N ILE A 155 21.90 7.33 9.23
CA ILE A 155 22.88 8.40 9.38
C ILE A 155 22.22 9.71 9.79
N LEU A 156 21.00 9.95 9.31
CA LEU A 156 20.33 11.22 9.60
C LEU A 156 19.92 11.31 11.07
N TRP A 157 19.44 10.22 11.65
CA TRP A 157 18.78 10.26 12.95
C TRP A 157 19.55 9.59 14.08
N ALA A 158 20.19 8.45 13.83
CA ALA A 158 20.81 7.70 14.92
C ALA A 158 21.95 8.45 15.60
N PRO A 159 22.93 9.03 14.89
CA PRO A 159 24.03 9.71 15.60
C PRO A 159 23.56 10.88 16.46
N ALA A 160 22.62 11.68 15.96
CA ALA A 160 22.16 12.84 16.72
C ALA A 160 21.37 12.40 17.96
N ILE A 161 20.46 11.44 17.80
CA ILE A 161 19.63 11.01 18.92
C ILE A 161 20.48 10.36 20.00
N LEU A 162 21.45 9.54 19.61
CA LEU A 162 22.22 8.78 20.58
C LEU A 162 23.34 9.60 21.23
N PHE A 163 23.93 10.55 20.51
CA PHE A 163 25.18 11.16 20.94
C PHE A 163 25.11 12.68 21.12
N TRP A 164 23.94 13.29 20.95
CA TRP A 164 23.84 14.73 21.15
C TRP A 164 24.18 15.11 22.59
N GLN A 165 23.79 14.28 23.55
CA GLN A 165 24.11 14.53 24.95
C GLN A 165 25.62 14.65 25.16
N PHE A 166 26.41 13.84 24.45
CA PHE A 166 27.86 13.92 24.55
C PHE A 166 28.42 15.11 23.80
N ILE A 167 27.73 15.57 22.76
CA ILE A 167 28.18 16.75 22.01
C ILE A 167 28.04 18.00 22.87
N VAL A 168 26.88 18.19 23.49
CA VAL A 168 26.70 19.31 24.40
C VAL A 168 27.35 19.05 25.76
N GLY A 169 27.69 17.79 26.05
CA GLY A 169 28.36 17.45 27.29
C GLY A 169 27.46 17.32 28.49
N VAL A 170 26.14 17.26 28.31
CA VAL A 170 25.21 17.12 29.41
C VAL A 170 23.95 16.45 28.90
N ARG A 171 23.43 15.50 29.68
CA ARG A 171 22.15 14.85 29.40
C ARG A 171 21.08 15.56 30.21
N THR A 172 20.22 16.32 29.53
CA THR A 172 19.14 17.03 30.19
C THR A 172 17.90 16.16 30.40
N VAL A 173 17.86 14.97 29.80
CA VAL A 173 16.74 14.05 30.02
C VAL A 173 16.90 13.45 31.42
N GLU A 174 16.02 13.84 32.34
CA GLU A 174 16.12 13.39 33.71
C GLU A 174 15.70 11.93 33.83
N ASP A 175 15.97 11.36 35.01
CA ASP A 175 15.63 9.96 35.26
C ASP A 175 14.12 9.76 35.22
N GLY A 176 13.69 8.74 34.48
CA GLY A 176 12.28 8.48 34.30
C GLY A 176 11.65 9.17 33.10
N GLU A 177 12.39 10.05 32.42
CA GLU A 177 11.92 10.70 31.21
C GLU A 177 12.54 10.04 29.98
N CYS A 178 11.88 10.25 28.84
CA CYS A 178 12.39 9.72 27.58
C CYS A 178 11.92 10.63 26.46
N TYR A 179 12.83 11.43 25.92
CA TYR A 179 12.52 12.31 24.81
C TYR A 179 13.82 12.70 24.12
N ILE A 180 13.70 13.15 22.88
CA ILE A 180 14.87 13.59 22.12
C ILE A 180 15.40 14.88 22.71
N GLN A 181 16.68 14.88 23.07
CA GLN A 181 17.24 16.00 23.83
C GLN A 181 17.29 17.28 23.00
N PHE A 182 17.69 17.18 21.73
CA PHE A 182 17.76 18.42 20.95
C PHE A 182 16.39 18.92 20.52
N PHE A 183 15.31 18.21 20.84
CA PHE A 183 13.96 18.71 20.64
C PHE A 183 13.47 19.57 21.81
N SER A 184 14.37 19.97 22.71
CA SER A 184 13.99 20.86 23.81
C SER A 184 13.50 22.21 23.31
N ASN A 185 13.87 22.60 22.10
CA ASN A 185 13.38 23.82 21.47
C ASN A 185 12.24 23.46 20.52
N ALA A 186 11.08 24.07 20.74
CA ALA A 186 9.90 23.73 19.96
C ALA A 186 10.09 24.05 18.47
N ALA A 187 10.83 25.11 18.16
CA ALA A 187 11.06 25.45 16.76
C ALA A 187 11.90 24.39 16.05
N VAL A 188 12.80 23.72 16.78
CA VAL A 188 13.58 22.65 16.20
C VAL A 188 12.67 21.48 15.82
N THR A 189 11.71 21.15 16.69
CA THR A 189 10.77 20.08 16.39
C THR A 189 9.93 20.40 15.16
N PHE A 190 9.53 21.67 15.02
CA PHE A 190 8.73 22.07 13.87
C PHE A 190 9.54 22.02 12.59
N GLY A 191 10.81 22.46 12.65
CA GLY A 191 11.67 22.33 11.49
C GLY A 191 11.83 20.89 11.06
N THR A 192 11.94 19.98 12.02
CA THR A 192 11.95 18.56 11.70
C THR A 192 10.64 18.14 11.04
N ALA A 193 9.51 18.64 11.54
CA ALA A 193 8.23 18.31 10.93
C ALA A 193 8.12 18.83 9.51
N ILE A 194 8.77 19.97 9.21
CA ILE A 194 8.72 20.51 7.86
C ILE A 194 9.58 19.69 6.92
N ALA A 195 10.81 19.35 7.35
CA ALA A 195 11.75 18.66 6.47
C ALA A 195 11.40 17.18 6.32
N ALA A 196 10.91 16.54 7.38
CA ALA A 196 10.72 15.09 7.36
C ALA A 196 9.30 14.67 7.03
N PHE A 197 8.30 15.51 7.26
CA PHE A 197 6.92 15.13 6.98
C PHE A 197 6.26 16.01 5.92
N TYR A 198 6.26 17.33 6.08
CA TYR A 198 5.42 18.17 5.24
C TYR A 198 5.95 18.24 3.81
N LEU A 199 7.25 18.46 3.64
CA LEU A 199 7.82 18.48 2.30
C LEU A 199 7.67 17.13 1.59
N PRO A 200 7.97 15.98 2.22
CA PRO A 200 7.72 14.71 1.52
C PRO A 200 6.26 14.50 1.14
N VAL A 201 5.32 14.88 2.00
CA VAL A 201 3.90 14.74 1.67
C VAL A 201 3.55 15.60 0.46
N ILE A 202 4.11 16.81 0.37
CA ILE A 202 3.86 17.66 -0.78
C ILE A 202 4.42 17.04 -2.04
N ILE A 203 5.60 16.42 -1.96
CA ILE A 203 6.20 15.81 -3.13
C ILE A 203 5.35 14.62 -3.61
N MET A 204 4.91 13.78 -2.68
CA MET A 204 4.11 12.63 -3.07
C MET A 204 2.74 13.03 -3.60
N THR A 205 2.20 14.15 -3.11
CA THR A 205 0.92 14.65 -3.62
C THR A 205 1.06 15.11 -5.06
N VAL A 206 2.11 15.90 -5.35
CA VAL A 206 2.33 16.36 -6.72
C VAL A 206 2.66 15.18 -7.62
N LEU A 207 3.46 14.24 -7.13
CA LEU A 207 3.78 13.05 -7.93
C LEU A 207 2.53 12.26 -8.27
N TYR A 208 1.70 11.98 -7.27
CA TYR A 208 0.45 11.27 -7.54
C TYR A 208 -0.44 12.07 -8.47
N TRP A 209 -0.42 13.41 -8.36
CA TRP A 209 -1.22 14.24 -9.27
C TRP A 209 -0.83 14.00 -10.71
N HIS A 210 0.48 13.91 -10.99
CA HIS A 210 0.93 13.58 -12.34
C HIS A 210 0.61 12.14 -12.70
N ILE A 211 0.59 11.24 -11.72
CA ILE A 211 0.24 9.84 -11.98
C ILE A 211 -1.20 9.74 -12.47
N SER A 212 -2.15 10.26 -11.67
CA SER A 212 -3.56 10.15 -12.04
C SER A 212 -3.88 10.97 -13.29
N ARG A 213 -3.12 12.03 -13.56
CA ARG A 213 -3.31 12.77 -14.80
C ARG A 213 -2.72 12.04 -16.00
N ALA A 214 -1.69 11.21 -15.78
CA ALA A 214 -1.17 10.40 -16.86
C ALA A 214 -2.11 9.26 -17.21
N SER A 215 -2.67 8.59 -16.19
CA SER A 215 -3.65 7.54 -16.43
C SER A 215 -4.95 8.08 -17.00
N LYS A 216 -5.24 9.36 -16.79
CA LYS A 216 -6.45 9.99 -17.32
C LYS A 216 -6.19 10.56 -18.71
N ALA A 220 -4.31 2.93 -24.62
CA ALA A 220 -5.12 3.91 -23.92
C ALA A 220 -6.55 3.41 -23.75
N ASP A 221 -7.40 3.69 -24.75
CA ASP A 221 -8.79 3.26 -24.68
C ASP A 221 -8.90 1.74 -24.78
N LEU A 222 -8.05 1.10 -25.57
CA LEU A 222 -8.12 -0.34 -25.75
C LEU A 222 -7.95 -1.08 -24.43
N GLU A 223 -6.98 -0.64 -23.61
CA GLU A 223 -6.77 -1.27 -22.31
C GLU A 223 -7.98 -1.05 -21.40
N ASP A 224 -8.62 0.11 -21.52
CA ASP A 224 -9.81 0.41 -20.71
C ASP A 224 -11.00 -0.45 -21.08
N ASN A 225 -11.04 -0.99 -22.31
CA ASN A 225 -12.09 -1.90 -22.73
C ASN A 225 -11.78 -3.35 -22.36
N TRP A 226 -10.55 -3.79 -22.62
CA TRP A 226 -10.19 -5.18 -22.35
C TRP A 226 -10.15 -5.46 -20.84
N GLU A 227 -9.70 -4.49 -20.05
CA GLU A 227 -9.72 -4.66 -18.60
C GLU A 227 -11.15 -4.77 -18.08
N THR A 228 -12.06 -3.96 -18.63
CA THR A 228 -13.47 -4.05 -18.24
C THR A 228 -14.05 -5.41 -18.59
N LEU A 229 -13.66 -5.97 -19.73
CA LEU A 229 -14.19 -7.27 -20.15
C LEU A 229 -13.74 -8.38 -19.20
N ASN A 230 -12.46 -8.40 -18.85
CA ASN A 230 -11.95 -9.43 -17.95
C ASN A 230 -12.50 -9.28 -16.54
N ASP A 231 -12.65 -8.03 -16.07
CA ASP A 231 -13.17 -7.80 -14.73
C ASP A 231 -14.60 -8.31 -14.61
N ASN A 232 -15.46 -7.96 -15.57
CA ASN A 232 -16.84 -8.43 -15.54
C ASN A 232 -16.94 -9.93 -15.77
N LEU A 233 -15.94 -10.54 -16.40
CA LEU A 233 -15.94 -12.00 -16.54
C LEU A 233 -15.68 -12.67 -15.20
N LYS A 234 -14.76 -12.12 -14.41
CA LYS A 234 -14.54 -12.64 -13.06
C LYS A 234 -15.76 -12.42 -12.20
N VAL A 235 -16.43 -11.27 -12.34
CA VAL A 235 -17.63 -10.98 -11.56
C VAL A 235 -18.72 -11.99 -11.89
N ILE A 236 -18.81 -12.41 -13.15
CA ILE A 236 -19.78 -13.43 -13.53
C ILE A 236 -19.46 -14.75 -12.85
N GLU A 237 -18.18 -15.12 -12.81
CA GLU A 237 -17.79 -16.41 -12.26
C GLU A 237 -18.08 -16.49 -10.76
N LYS A 238 -17.84 -15.40 -10.03
CA LYS A 238 -18.00 -15.39 -8.58
C LYS A 238 -19.19 -14.53 -8.15
N ALA A 239 -20.27 -14.56 -8.94
CA ALA A 239 -21.47 -13.81 -8.58
C ALA A 239 -22.31 -14.59 -7.58
N ASP A 240 -23.01 -13.85 -6.72
CA ASP A 240 -23.84 -14.43 -5.67
C ASP A 240 -25.32 -14.51 -6.05
N ASN A 241 -25.82 -13.54 -6.81
CA ASN A 241 -27.23 -13.52 -7.18
C ASN A 241 -27.42 -13.29 -8.67
N ALA A 242 -28.65 -13.07 -9.10
CA ALA A 242 -28.96 -12.90 -10.50
C ALA A 242 -28.71 -11.49 -11.02
N ALA A 243 -28.50 -10.52 -10.14
CA ALA A 243 -28.26 -9.15 -10.59
C ALA A 243 -26.82 -8.95 -11.05
N GLN A 244 -25.86 -9.57 -10.35
CA GLN A 244 -24.45 -9.37 -10.69
C GLN A 244 -24.11 -10.00 -12.04
N VAL A 245 -24.68 -11.17 -12.35
CA VAL A 245 -24.43 -11.81 -13.63
C VAL A 245 -25.03 -10.98 -14.76
N LYS A 246 -26.19 -10.39 -14.54
CA LYS A 246 -26.83 -9.55 -15.56
C LYS A 246 -26.00 -8.30 -15.83
N ASP A 247 -25.65 -7.56 -14.78
CA ASP A 247 -24.90 -6.32 -14.96
C ASP A 247 -23.55 -6.57 -15.59
N ALA A 248 -22.84 -7.64 -15.17
CA ALA A 248 -21.56 -7.95 -15.76
C ALA A 248 -21.69 -8.44 -17.19
N LEU A 249 -22.78 -9.13 -17.52
CA LEU A 249 -23.02 -9.55 -18.90
C LEU A 249 -23.20 -8.34 -19.81
N THR A 250 -24.02 -7.38 -19.39
CA THR A 250 -24.30 -6.22 -20.23
C THR A 250 -23.07 -5.33 -20.37
N LYS A 251 -22.38 -5.04 -19.26
CA LYS A 251 -21.24 -4.15 -19.32
C LYS A 251 -20.06 -4.79 -20.06
N MET A 252 -19.90 -6.10 -19.94
CA MET A 252 -18.87 -6.78 -20.71
C MET A 252 -19.19 -6.78 -22.19
N ARG A 253 -20.47 -6.93 -22.55
CA ARG A 253 -20.87 -6.92 -23.95
C ARG A 253 -20.67 -5.54 -24.56
N ALA A 254 -20.96 -4.47 -23.81
CA ALA A 254 -20.71 -3.12 -24.30
C ALA A 254 -19.22 -2.88 -24.50
N ALA A 255 -18.40 -3.30 -23.53
CA ALA A 255 -16.95 -3.17 -23.69
C ALA A 255 -16.42 -4.09 -24.76
N ALA A 256 -17.10 -5.22 -25.03
CA ALA A 256 -16.67 -6.11 -26.09
C ALA A 256 -16.88 -5.48 -27.46
N LEU A 257 -18.02 -4.82 -27.66
CA LEU A 257 -18.29 -4.19 -28.96
C LEU A 257 -17.41 -2.97 -29.19
N ASP A 258 -17.17 -2.19 -28.14
CA ASP A 258 -16.24 -1.06 -28.27
C ASP A 258 -14.83 -1.54 -28.55
N ALA A 259 -14.44 -2.68 -27.97
CA ALA A 259 -13.14 -3.25 -28.28
C ALA A 259 -13.14 -3.93 -29.65
N GLN A 260 -14.31 -4.25 -30.19
CA GLN A 260 -14.39 -4.85 -31.52
C GLN A 260 -14.23 -3.81 -32.62
N LYS A 261 -14.87 -2.65 -32.47
CA LYS A 261 -14.82 -1.61 -33.50
C LYS A 261 -13.44 -1.01 -33.65
N ALA A 262 -12.57 -1.18 -32.66
CA ALA A 262 -11.24 -0.58 -32.67
C ALA A 262 -10.19 -1.59 -33.11
N THR A 263 -8.99 -1.07 -33.42
CA THR A 263 -7.91 -1.87 -33.96
C THR A 263 -6.84 -2.08 -32.92
N PRO A 264 -6.39 -3.31 -32.71
CA PRO A 264 -5.33 -3.56 -31.73
C PRO A 264 -3.96 -3.30 -32.33
N PRO A 265 -2.88 -3.33 -31.51
CA PRO A 265 -1.54 -3.18 -32.07
C PRO A 265 -1.13 -4.38 -32.92
N LYS A 266 -1.75 -4.53 -34.09
CA LYS A 266 -1.47 -5.68 -34.94
C LYS A 266 -0.11 -5.53 -35.63
N LEU A 267 0.48 -6.67 -35.97
CA LEU A 267 1.76 -6.69 -36.65
C LEU A 267 1.57 -6.37 -38.13
N GLU A 268 2.58 -5.71 -38.70
CA GLU A 268 2.66 -5.31 -40.11
C GLU A 268 1.66 -4.21 -40.49
N ASP A 269 0.91 -3.67 -39.53
CA ASP A 269 -0.03 -2.59 -39.75
C ASP A 269 -0.95 -2.89 -40.94
N LYS A 270 -1.70 -3.98 -40.80
CA LYS A 270 -2.48 -4.52 -41.90
C LYS A 270 -3.82 -3.80 -42.04
N SER A 271 -4.34 -3.80 -43.26
CA SER A 271 -5.59 -3.12 -43.57
C SER A 271 -6.77 -3.85 -42.92
N PRO A 272 -7.95 -3.23 -42.88
CA PRO A 272 -9.13 -3.94 -42.36
C PRO A 272 -9.51 -5.17 -43.16
N ASP A 273 -9.15 -5.25 -44.44
CA ASP A 273 -9.42 -6.42 -45.25
C ASP A 273 -8.50 -7.60 -44.94
N SER A 274 -7.51 -7.41 -44.06
CA SER A 274 -6.51 -8.42 -43.82
C SER A 274 -7.11 -9.63 -43.09
N PRO A 275 -6.49 -10.80 -43.26
CA PRO A 275 -6.94 -11.98 -42.49
C PRO A 275 -6.74 -11.81 -40.99
N GLU A 276 -5.87 -10.91 -40.55
CA GLU A 276 -5.66 -10.69 -39.12
C GLU A 276 -6.77 -9.83 -38.54
N MET A 277 -7.22 -8.81 -39.28
CA MET A 277 -8.31 -7.96 -38.79
C MET A 277 -9.66 -8.69 -38.85
N LYS A 278 -9.86 -9.51 -39.90
CA LYS A 278 -11.12 -10.22 -40.04
C LYS A 278 -11.29 -11.26 -38.93
N ASP A 279 -10.27 -12.06 -38.68
CA ASP A 279 -10.35 -13.07 -37.63
C ASP A 279 -10.35 -12.43 -36.25
N PHE A 280 -9.78 -11.23 -36.12
CA PHE A 280 -9.85 -10.49 -34.85
C PHE A 280 -11.29 -10.12 -34.54
N ARG A 281 -12.01 -9.57 -35.52
CA ARG A 281 -13.43 -9.27 -35.33
C ARG A 281 -14.24 -10.54 -35.14
N HIS A 282 -13.85 -11.63 -35.80
CA HIS A 282 -14.62 -12.88 -35.70
C HIS A 282 -14.55 -13.46 -34.29
N GLY A 283 -13.40 -13.33 -33.63
CA GLY A 283 -13.30 -13.79 -32.25
C GLY A 283 -14.25 -13.06 -31.32
N PHE A 284 -14.40 -11.74 -31.52
CA PHE A 284 -15.35 -10.98 -30.73
C PHE A 284 -16.79 -11.34 -31.08
N ASP A 285 -17.05 -11.66 -32.35
CA ASP A 285 -18.41 -12.03 -32.76
C ASP A 285 -18.83 -13.35 -32.10
N ILE A 286 -17.94 -14.35 -32.11
CA ILE A 286 -18.23 -15.60 -31.42
C ILE A 286 -18.35 -15.37 -29.92
N LEU A 287 -17.56 -14.44 -29.38
CA LEU A 287 -17.64 -14.14 -27.96
C LEU A 287 -19.02 -13.59 -27.59
N VAL A 288 -19.56 -12.69 -28.42
CA VAL A 288 -20.90 -12.19 -28.18
C VAL A 288 -21.94 -13.29 -28.35
N GLY A 289 -21.70 -14.24 -29.25
CA GLY A 289 -22.63 -15.35 -29.42
C GLY A 289 -22.75 -16.19 -28.17
N GLN A 290 -21.60 -16.56 -27.58
CA GLN A 290 -21.63 -17.29 -26.31
C GLN A 290 -22.16 -16.42 -25.18
N ILE A 291 -21.96 -15.10 -25.25
CA ILE A 291 -22.48 -14.20 -24.23
C ILE A 291 -24.00 -14.24 -24.24
N ASP A 292 -24.62 -14.18 -25.42
CA ASP A 292 -26.07 -14.21 -25.52
C ASP A 292 -26.65 -15.58 -25.25
N ASP A 293 -25.88 -16.66 -25.47
CA ASP A 293 -26.31 -17.97 -25.02
C ASP A 293 -26.32 -18.03 -23.50
N ALA A 294 -25.31 -17.43 -22.85
CA ALA A 294 -25.29 -17.37 -21.39
C ALA A 294 -26.42 -16.49 -20.85
N LEU A 295 -26.67 -15.36 -21.51
CA LEU A 295 -27.76 -14.48 -21.08
C LEU A 295 -29.11 -15.16 -21.24
N LYS A 296 -29.30 -15.89 -22.33
CA LYS A 296 -30.54 -16.64 -22.53
C LYS A 296 -30.77 -17.64 -21.40
N LEU A 297 -29.80 -18.52 -21.18
CA LEU A 297 -29.92 -19.53 -20.13
C LEU A 297 -30.06 -18.88 -18.75
N ALA A 298 -29.49 -17.70 -18.55
CA ALA A 298 -29.67 -17.00 -17.29
C ALA A 298 -31.12 -16.53 -17.12
N ASN A 299 -31.79 -16.18 -18.23
CA ASN A 299 -33.18 -15.76 -18.17
C ASN A 299 -34.14 -16.96 -18.16
N GLU A 300 -33.70 -18.13 -18.60
CA GLU A 300 -34.56 -19.31 -18.56
C GLU A 300 -34.74 -19.85 -17.15
N GLY A 301 -33.94 -19.41 -16.20
CA GLY A 301 -33.90 -20.01 -14.88
C GLY A 301 -32.70 -20.90 -14.63
N LYS A 302 -31.76 -20.95 -15.56
CA LYS A 302 -30.54 -21.75 -15.45
C LYS A 302 -29.33 -20.88 -15.10
N VAL A 303 -29.49 -19.95 -14.16
CA VAL A 303 -28.44 -19.00 -13.82
C VAL A 303 -27.11 -19.70 -13.56
N LYS A 304 -27.15 -20.91 -13.01
CA LYS A 304 -25.92 -21.68 -12.82
C LYS A 304 -25.29 -22.06 -14.15
N GLU A 305 -26.10 -22.29 -15.19
CA GLU A 305 -25.56 -22.63 -16.51
C GLU A 305 -24.90 -21.44 -17.16
N ALA A 306 -25.37 -20.22 -16.85
CA ALA A 306 -24.71 -19.02 -17.37
C ALA A 306 -23.31 -18.88 -16.79
N GLN A 307 -23.10 -19.33 -15.54
CA GLN A 307 -21.77 -19.36 -14.97
C GLN A 307 -20.88 -20.39 -15.67
N ALA A 308 -21.45 -21.54 -16.03
CA ALA A 308 -20.70 -22.52 -16.78
C ALA A 308 -20.32 -21.99 -18.16
N ALA A 309 -21.21 -21.20 -18.78
CA ALA A 309 -20.91 -20.59 -20.07
C ALA A 309 -19.79 -19.56 -19.95
N ALA A 310 -19.61 -18.96 -18.77
CA ALA A 310 -18.49 -18.04 -18.57
C ALA A 310 -17.16 -18.76 -18.71
N GLU A 311 -17.09 -20.01 -18.25
CA GLU A 311 -15.90 -20.83 -18.50
C GLU A 311 -15.67 -21.02 -19.99
N GLN A 312 -16.75 -21.26 -20.74
CA GLN A 312 -16.62 -21.38 -22.20
C GLN A 312 -16.23 -20.04 -22.80
N LEU A 313 -16.76 -18.94 -22.27
CA LEU A 313 -16.31 -17.61 -22.66
C LEU A 313 -14.81 -17.45 -22.40
N LYS A 314 -14.36 -17.90 -21.23
CA LYS A 314 -12.94 -17.86 -20.91
C LYS A 314 -12.14 -18.71 -21.90
N THR A 315 -12.69 -19.85 -22.32
CA THR A 315 -12.03 -20.68 -23.31
C THR A 315 -11.91 -19.96 -24.65
N THR A 316 -13.00 -19.36 -25.12
CA THR A 316 -12.96 -18.59 -26.37
C THR A 316 -12.04 -17.37 -26.23
N ARG A 317 -12.08 -16.72 -25.07
CA ARG A 317 -11.18 -15.60 -24.84
C ARG A 317 -9.73 -16.03 -24.89
N ASN A 318 -9.44 -17.26 -24.45
CA ASN A 318 -8.09 -17.81 -24.52
C ASN A 318 -7.76 -18.37 -25.89
N ALA A 319 -8.77 -18.59 -26.74
CA ALA A 319 -8.52 -19.11 -28.08
C ALA A 319 -8.08 -18.00 -29.03
N TYR A 320 -8.47 -16.76 -28.77
CA TYR A 320 -8.11 -15.60 -29.59
C TYR A 320 -7.60 -14.46 -28.72
N ILE A 321 -6.73 -14.80 -27.76
CA ILE A 321 -6.06 -13.79 -26.96
C ILE A 321 -4.70 -13.40 -27.53
N GLN A 322 -4.19 -14.16 -28.50
CA GLN A 322 -2.92 -13.87 -29.13
C GLN A 322 -2.89 -12.50 -29.81
N LYS A 323 -4.05 -11.88 -30.03
CA LYS A 323 -4.12 -10.56 -30.64
C LYS A 323 -3.87 -9.44 -29.66
N TYR A 324 -4.07 -9.68 -28.36
CA TYR A 324 -3.97 -8.65 -27.34
C TYR A 324 -2.79 -8.91 -26.42
N LEU A 325 -2.57 -7.98 -25.50
CA LEU A 325 -1.45 -8.02 -24.58
C LEU A 325 -1.83 -8.75 -23.29
N SER A 329 -4.62 -3.96 -18.90
CA SER A 329 -3.64 -3.21 -18.12
C SER A 329 -4.12 -3.02 -16.68
N ARG A 330 -3.47 -3.72 -15.75
CA ARG A 330 -3.79 -3.64 -14.33
C ARG A 330 -3.28 -2.36 -13.68
N GLU A 331 -2.70 -1.44 -14.44
CA GLU A 331 -2.05 -0.27 -13.86
C GLU A 331 -3.04 0.67 -13.18
N LYS A 332 -4.33 0.60 -13.51
CA LYS A 332 -5.31 1.37 -12.76
C LYS A 332 -5.38 0.90 -11.32
N LYS A 333 -5.25 -0.40 -11.08
CA LYS A 333 -5.20 -0.92 -9.72
C LYS A 333 -3.92 -0.47 -9.01
N VAL A 334 -2.80 -0.41 -9.73
CA VAL A 334 -1.54 0.01 -9.12
C VAL A 334 -1.64 1.45 -8.64
N THR A 335 -2.23 2.32 -9.46
CA THR A 335 -2.38 3.72 -9.05
C THR A 335 -3.30 3.84 -7.84
N ARG A 336 -4.38 3.07 -7.82
CA ARG A 336 -5.26 3.08 -6.65
C ARG A 336 -4.53 2.59 -5.40
N THR A 337 -3.73 1.55 -5.55
CA THR A 337 -2.98 1.01 -4.40
C THR A 337 -2.03 2.05 -3.82
N ILE A 338 -1.30 2.76 -4.69
CA ILE A 338 -0.39 3.79 -4.23
C ILE A 338 -1.15 4.88 -3.49
N LEU A 339 -2.29 5.33 -4.04
CA LEU A 339 -3.08 6.35 -3.38
C LEU A 339 -3.54 5.89 -2.00
N ALA A 340 -3.92 4.62 -1.86
CA ALA A 340 -4.35 4.11 -0.56
C ALA A 340 -3.21 4.14 0.44
N ILE A 341 -2.01 3.74 0.02
CA ILE A 341 -0.86 3.77 0.92
C ILE A 341 -0.50 5.20 1.29
N LEU A 342 -0.57 6.12 0.33
CA LEU A 342 -0.24 7.51 0.61
C LEU A 342 -1.27 8.15 1.53
N LEU A 343 -2.56 7.88 1.30
CA LEU A 343 -3.60 8.46 2.15
C LEU A 343 -3.54 7.91 3.56
N ALA A 344 -3.24 6.62 3.71
CA ALA A 344 -3.09 6.05 5.04
C ALA A 344 -1.95 6.72 5.80
N PHE A 345 -0.86 7.04 5.10
CA PHE A 345 0.27 7.71 5.73
C PHE A 345 -0.09 9.14 6.13
N ILE A 346 -0.69 9.89 5.19
CA ILE A 346 -1.01 11.30 5.45
C ILE A 346 -2.02 11.44 6.58
N ILE A 347 -3.06 10.60 6.56
CA ILE A 347 -4.17 10.77 7.50
C ILE A 347 -3.76 10.36 8.92
N THR A 348 -2.96 9.31 9.05
CA THR A 348 -2.56 8.83 10.37
C THR A 348 -1.42 9.65 10.97
N TRP A 349 -0.64 10.35 10.16
CA TRP A 349 0.49 11.14 10.65
C TRP A 349 0.22 12.63 10.74
N ALA A 350 -0.80 13.13 10.04
CA ALA A 350 -1.09 14.56 10.10
C ALA A 350 -1.47 15.07 11.49
N PRO A 351 -2.29 14.37 12.29
CA PRO A 351 -2.64 14.94 13.61
C PRO A 351 -1.44 15.22 14.49
N TYR A 352 -0.47 14.31 14.58
CA TYR A 352 0.70 14.56 15.40
C TYR A 352 1.47 15.78 14.92
N ASN A 353 1.57 15.95 13.60
CA ASN A 353 2.39 17.04 13.06
C ASN A 353 1.72 18.40 13.21
N VAL A 354 0.39 18.45 13.22
CA VAL A 354 -0.26 19.72 13.52
C VAL A 354 -0.18 20.02 15.02
N MET A 355 -0.07 18.98 15.85
CA MET A 355 0.21 19.20 17.26
C MET A 355 1.58 19.84 17.45
N VAL A 356 2.56 19.42 16.62
CA VAL A 356 3.87 20.04 16.66
C VAL A 356 3.79 21.50 16.24
N LEU A 357 3.01 21.80 15.20
CA LEU A 357 2.85 23.16 14.74
C LEU A 357 2.22 24.04 15.83
N ILE A 358 1.15 23.55 16.45
CA ILE A 358 0.52 24.32 17.53
C ILE A 358 1.46 24.41 18.74
N ASN A 359 2.29 23.38 18.95
CA ASN A 359 3.21 23.38 20.08
C ASN A 359 4.26 24.49 19.97
N THR A 360 4.50 25.01 18.77
CA THR A 360 5.51 26.06 18.61
C THR A 360 5.12 27.34 19.31
N PHE A 361 3.82 27.64 19.41
CA PHE A 361 3.35 28.87 20.00
C PHE A 361 2.42 28.68 21.19
N CYS A 362 1.89 27.47 21.41
CA CYS A 362 1.01 27.22 22.55
C CYS A 362 1.22 25.77 22.99
N ALA A 363 2.11 25.58 23.97
CA ALA A 363 2.35 24.26 24.55
C ALA A 363 1.16 23.77 25.37
N PRO A 364 0.52 24.61 26.19
CA PRO A 364 -0.68 24.13 26.91
C PRO A 364 -1.84 23.75 26.00
N CYS A 365 -1.82 24.14 24.73
CA CYS A 365 -2.91 23.81 23.82
C CYS A 365 -2.97 22.33 23.46
N ILE A 366 -1.92 21.56 23.78
CA ILE A 366 -1.87 20.14 23.49
C ILE A 366 -1.62 19.41 24.81
N PRO A 367 -2.66 18.80 25.38
CA PRO A 367 -2.46 17.99 26.59
C PRO A 367 -1.66 16.72 26.30
N ASN A 368 -1.16 16.10 27.37
CA ASN A 368 -0.36 14.89 27.22
C ASN A 368 -1.17 13.76 26.61
N THR A 369 -2.46 13.67 26.96
CA THR A 369 -3.31 12.63 26.39
C THR A 369 -3.45 12.79 24.88
N VAL A 370 -3.54 14.04 24.40
CA VAL A 370 -3.63 14.29 22.97
C VAL A 370 -2.33 13.91 22.27
N TRP A 371 -1.18 14.21 22.90
CA TRP A 371 0.10 13.79 22.33
C TRP A 371 0.16 12.28 22.18
N THR A 372 -0.27 11.54 23.20
CA THR A 372 -0.26 10.08 23.14
C THR A 372 -1.14 9.58 22.00
N ILE A 373 -2.31 10.22 21.79
CA ILE A 373 -3.19 9.80 20.70
C ILE A 373 -2.53 10.05 19.36
N GLY A 374 -1.90 11.21 19.18
CA GLY A 374 -1.23 11.49 17.92
C GLY A 374 -0.06 10.56 17.67
N TYR A 375 0.68 10.22 18.74
CA TYR A 375 1.76 9.25 18.62
C TYR A 375 1.24 7.88 18.20
N TRP A 376 0.09 7.49 18.76
CA TRP A 376 -0.45 6.16 18.45
C TRP A 376 -1.01 6.10 17.04
N LEU A 377 -1.65 7.16 16.58
CA LEU A 377 -2.18 7.19 15.21
C LEU A 377 -1.07 6.97 14.20
N CYS A 378 0.12 7.55 14.45
CA CYS A 378 1.26 7.27 13.60
C CYS A 378 1.63 5.80 13.62
N TYR A 379 1.59 5.17 14.80
CA TYR A 379 1.80 3.73 14.88
C TYR A 379 0.74 2.96 14.11
N ILE A 380 -0.51 3.43 14.17
CA ILE A 380 -1.62 2.73 13.52
C ILE A 380 -1.40 2.66 12.01
N ASN A 381 -0.64 3.61 11.45
CA ASN A 381 -0.28 3.54 10.04
C ASN A 381 0.32 2.19 9.67
N SER A 382 1.16 1.64 10.55
CA SER A 382 1.75 0.32 10.30
C SER A 382 0.71 -0.78 10.38
N THR A 383 -0.33 -0.60 11.20
CA THR A 383 -1.36 -1.62 11.34
C THR A 383 -2.22 -1.72 10.08
N ILE A 384 -2.64 -0.58 9.53
CA ILE A 384 -3.52 -0.58 8.36
C ILE A 384 -2.76 -0.66 7.04
N ASN A 385 -1.43 -0.60 7.07
CA ASN A 385 -0.65 -0.65 5.84
C ASN A 385 -0.84 -1.96 5.07
N PRO A 386 -0.74 -3.15 5.68
CA PRO A 386 -0.92 -4.37 4.88
C PRO A 386 -2.30 -4.48 4.23
N ALA A 387 -3.34 -3.94 4.87
CA ALA A 387 -4.68 -4.04 4.30
C ALA A 387 -4.85 -3.17 3.06
N CYS A 388 -3.96 -2.21 2.84
CA CYS A 388 -4.10 -1.31 1.69
C CYS A 388 -3.65 -1.95 0.39
N TYR A 389 -2.77 -2.95 0.44
CA TYR A 389 -2.29 -3.58 -0.78
C TYR A 389 -2.42 -5.10 -0.78
N ALA A 390 -2.23 -5.74 0.38
CA ALA A 390 -2.27 -7.20 0.42
C ALA A 390 -3.69 -7.73 0.34
N LEU A 391 -4.62 -7.10 1.05
CA LEU A 391 -6.01 -7.56 1.07
C LEU A 391 -6.78 -7.15 -0.18
N CYS A 392 -6.11 -6.64 -1.20
CA CYS A 392 -6.75 -6.29 -2.46
C CYS A 392 -6.03 -6.91 -3.66
N ASN A 393 -5.15 -7.88 -3.44
CA ASN A 393 -4.38 -8.51 -4.49
C ASN A 393 -4.64 -10.01 -4.48
N ALA A 394 -5.02 -10.56 -5.63
CA ALA A 394 -5.41 -11.96 -5.69
C ALA A 394 -4.25 -12.89 -5.38
N THR A 395 -3.03 -12.51 -5.78
CA THR A 395 -1.87 -13.35 -5.51
C THR A 395 -1.51 -13.34 -4.04
N PHE A 396 -1.63 -12.18 -3.38
CA PHE A 396 -1.39 -12.12 -1.93
C PHE A 396 -2.43 -12.93 -1.18
N LYS A 397 -3.70 -12.86 -1.60
CA LYS A 397 -4.75 -13.62 -0.93
C LYS A 397 -4.51 -15.12 -1.01
N LYS A 398 -4.20 -15.61 -2.22
CA LYS A 398 -3.96 -17.04 -2.40
C LYS A 398 -2.73 -17.49 -1.62
N THR A 399 -1.70 -16.65 -1.57
CA THR A 399 -0.50 -17.00 -0.81
C THR A 399 -0.78 -16.98 0.70
N PHE A 400 -1.60 -16.03 1.15
CA PHE A 400 -2.03 -16.05 2.55
C PHE A 400 -2.75 -17.33 2.88
N LYS A 401 -3.71 -17.73 2.04
CA LYS A 401 -4.45 -18.97 2.25
C LYS A 401 -3.51 -20.16 2.33
N HIS A 402 -2.49 -20.21 1.47
CA HIS A 402 -1.53 -21.30 1.51
C HIS A 402 -0.70 -21.29 2.78
N LEU A 403 -0.33 -20.09 3.24
CA LEU A 403 0.47 -19.99 4.47
C LEU A 403 -0.33 -20.39 5.70
N LEU A 404 -1.65 -20.21 5.66
CA LEU A 404 -2.49 -20.44 6.83
C LEU A 404 -3.15 -21.82 6.82
N MET A 405 -3.14 -22.53 5.70
CA MET A 405 -3.74 -23.86 5.65
C MET A 405 -2.80 -24.90 6.23
N CYS A 406 -3.39 -25.90 6.87
CA CYS A 406 -2.61 -26.97 7.50
C CYS A 406 -2.12 -27.96 6.45
N HIS A 407 -0.82 -28.24 6.47
CA HIS A 407 -0.23 -29.21 5.56
C HIS A 407 -0.17 -30.60 6.19
C10 3C0 B . 7.90 14.62 11.55
C13 3C0 B . 6.23 11.20 14.61
C15 3C0 B . 7.37 9.54 16.21
C17 3C0 B . 8.43 9.30 14.07
C20 3C0 B . 7.44 7.09 15.90
C21 3C0 B . 5.38 8.15 15.95
C22 3C0 B . 6.97 8.78 14.14
N19 3C0 B . 6.79 8.37 15.55
C14 3C0 B . 6.46 10.78 16.07
C16 3C0 B . 8.71 9.79 15.46
O18 3C0 B . 9.48 8.69 14.88
C23 3C0 B . 6.03 9.93 13.74
O12 3C0 B . 7.31 12.07 14.16
C02 3C0 B . 7.08 12.73 12.99
O01 3C0 B . 6.00 12.79 12.41
C03 3C0 B . 8.32 13.45 12.46
O11 3C0 B . 7.16 15.57 12.32
C04 3C0 B . 9.13 12.55 11.75
C05 3C0 B . 10.32 12.13 12.32
C06 3C0 B . 11.14 11.24 11.64
C07 3C0 B . 10.75 10.76 10.39
C08 3C0 B . 9.56 11.18 9.82
C09 3C0 B . 8.74 12.07 10.51
#